data_1NOH
#
_entry.id   1NOH
#
_cell.length_a   114.005
_cell.length_b   117.301
_cell.length_c   105.933
_cell.angle_alpha   90.00
_cell.angle_beta   90.00
_cell.angle_gamma   90.00
#
_symmetry.space_group_name_H-M   'C 2 2 21'
#
_entity_poly.entity_id   1
_entity_poly.type   'polypeptide(L)'
_entity_poly.pdbx_seq_one_letter_code
;PLKPEEHEDILNKLLDPELAQSERTEALQQLRVNYGSFVSEYNDLTKSHEKLAAEKDDLIVSNSKLFRQIGLTEKQEEDH
KKADISETITIEDLEAK
;
_entity_poly.pdbx_strand_id   A,B,C,D
#
# COMPACT_ATOMS: atom_id res chain seq x y z
N PRO A 1 20.48 12.81 -14.82
CA PRO A 1 21.82 13.37 -14.60
C PRO A 1 22.13 14.64 -15.38
N LEU A 2 21.55 14.80 -16.57
CA LEU A 2 21.77 16.02 -17.37
C LEU A 2 21.34 17.28 -16.57
N LYS A 3 22.26 18.22 -16.37
CA LYS A 3 21.95 19.47 -15.63
C LYS A 3 20.78 20.16 -16.31
N PRO A 4 19.78 20.61 -15.54
CA PRO A 4 18.63 21.26 -16.16
C PRO A 4 19.04 22.23 -17.26
N GLU A 5 20.21 22.84 -17.10
CA GLU A 5 20.73 23.78 -18.11
C GLU A 5 21.02 22.98 -19.37
N GLU A 6 21.94 22.03 -19.27
CA GLU A 6 22.31 21.17 -20.40
C GLU A 6 21.06 20.69 -21.12
N HIS A 7 20.11 20.15 -20.36
CA HIS A 7 18.86 19.63 -20.92
C HIS A 7 18.09 20.75 -21.59
N GLU A 8 18.26 21.96 -21.06
CA GLU A 8 17.58 23.13 -21.59
C GLU A 8 18.05 23.45 -23.00
N ASP A 9 19.36 23.41 -23.21
CA ASP A 9 19.92 23.70 -24.51
C ASP A 9 19.28 22.80 -25.56
N ILE A 10 19.19 21.51 -25.26
CA ILE A 10 18.58 20.55 -26.18
C ILE A 10 17.15 20.96 -26.50
N LEU A 11 16.36 21.23 -25.46
CA LEU A 11 14.99 21.65 -25.67
C LEU A 11 15.00 22.81 -26.66
N ASN A 12 16.06 23.61 -26.56
CA ASN A 12 16.23 24.77 -27.41
C ASN A 12 16.40 24.29 -28.86
N LYS A 13 17.53 23.64 -29.10
CA LYS A 13 17.87 23.09 -30.41
C LYS A 13 16.66 22.52 -31.17
N LEU A 14 15.78 21.82 -30.46
CA LEU A 14 14.59 21.21 -31.04
C LEU A 14 13.49 22.20 -31.39
N LEU A 15 13.68 23.45 -30.99
CA LEU A 15 12.69 24.49 -31.26
C LEU A 15 12.64 24.81 -32.75
N ASP A 16 13.82 24.81 -33.36
CA ASP A 16 13.99 25.09 -34.78
C ASP A 16 13.24 24.11 -35.70
N PRO A 17 12.18 24.57 -36.39
CA PRO A 17 11.45 23.64 -37.28
C PRO A 17 12.29 23.26 -38.49
N GLU A 18 13.30 24.09 -38.74
CA GLU A 18 14.21 23.90 -39.87
C GLU A 18 15.51 23.19 -39.47
N LEU A 19 15.53 22.54 -38.32
CA LEU A 19 16.72 21.83 -37.89
C LEU A 19 16.79 20.58 -38.73
N ALA A 20 18.00 20.19 -39.14
CA ALA A 20 18.17 18.99 -39.95
C ALA A 20 17.37 17.85 -39.34
N GLN A 21 17.09 16.79 -40.09
CA GLN A 21 16.34 15.69 -39.49
C GLN A 21 17.32 14.75 -38.80
N SER A 22 18.57 14.80 -39.21
CA SER A 22 19.56 13.94 -38.61
C SER A 22 19.92 14.44 -37.25
N GLU A 23 20.11 15.75 -37.14
CA GLU A 23 20.48 16.35 -35.87
C GLU A 23 19.38 16.46 -34.85
N ARG A 24 18.14 16.48 -35.31
CA ARG A 24 17.03 16.59 -34.37
C ARG A 24 16.67 15.19 -33.89
N THR A 25 17.06 14.17 -34.66
CA THR A 25 16.82 12.78 -34.26
C THR A 25 17.87 12.46 -33.19
N GLU A 26 19.06 13.01 -33.37
CA GLU A 26 20.16 12.82 -32.44
C GLU A 26 19.80 13.45 -31.11
N ALA A 27 19.20 14.63 -31.17
CA ALA A 27 18.82 15.35 -29.96
C ALA A 27 17.74 14.60 -29.19
N LEU A 28 16.73 14.10 -29.89
CA LEU A 28 15.65 13.36 -29.23
C LEU A 28 16.16 12.04 -28.65
N GLN A 29 17.25 11.51 -29.21
CA GLN A 29 17.85 10.25 -28.74
C GLN A 29 18.56 10.47 -27.41
N GLN A 30 19.17 11.64 -27.26
CA GLN A 30 19.86 11.98 -26.04
C GLN A 30 18.86 12.19 -24.93
N LEU A 31 17.74 12.83 -25.26
CA LEU A 31 16.71 13.04 -24.26
C LEU A 31 16.24 11.69 -23.80
N ARG A 32 16.04 10.78 -24.76
CA ARG A 32 15.60 9.42 -24.45
C ARG A 32 16.61 8.74 -23.54
N VAL A 33 17.82 8.54 -24.04
CA VAL A 33 18.86 7.92 -23.23
C VAL A 33 18.90 8.53 -21.84
N ASN A 34 19.09 9.85 -21.77
CA ASN A 34 19.17 10.50 -20.47
C ASN A 34 17.93 10.25 -19.61
N TYR A 35 16.75 10.39 -20.19
CA TYR A 35 15.56 10.17 -19.37
C TYR A 35 15.51 8.75 -18.82
N GLY A 36 15.84 7.78 -19.67
CA GLY A 36 15.83 6.41 -19.23
C GLY A 36 16.75 6.18 -18.05
N SER A 37 17.98 6.67 -18.15
CA SER A 37 18.94 6.53 -17.07
C SER A 37 18.41 7.18 -15.79
N PHE A 38 17.94 8.43 -15.92
CA PHE A 38 17.40 9.18 -14.79
C PHE A 38 16.36 8.34 -14.06
N VAL A 39 15.31 7.96 -14.79
CA VAL A 39 14.25 7.16 -14.22
C VAL A 39 14.85 5.97 -13.49
N SER A 40 15.77 5.28 -14.15
CA SER A 40 16.43 4.14 -13.54
C SER A 40 16.96 4.48 -12.15
N GLU A 41 17.91 5.40 -12.07
CA GLU A 41 18.50 5.82 -10.81
C GLU A 41 17.46 6.22 -9.78
N TYR A 42 16.49 7.02 -10.21
CA TYR A 42 15.44 7.47 -9.31
C TYR A 42 14.70 6.26 -8.77
N ASN A 43 14.42 5.30 -9.66
CA ASN A 43 13.73 4.08 -9.27
C ASN A 43 14.50 3.29 -8.21
N ASP A 44 15.81 3.40 -8.20
CA ASP A 44 16.62 2.68 -7.23
C ASP A 44 16.52 3.36 -5.88
N LEU A 45 16.87 4.64 -5.85
CA LEU A 45 16.80 5.41 -4.63
C LEU A 45 15.40 5.22 -4.02
N THR A 46 14.38 5.15 -4.88
CA THR A 46 13.01 4.97 -4.40
C THR A 46 12.70 3.60 -3.80
N LYS A 47 13.35 2.53 -4.27
CA LYS A 47 13.09 1.22 -3.70
C LYS A 47 13.99 1.05 -2.48
N SER A 48 15.18 1.65 -2.57
CA SER A 48 16.17 1.61 -1.53
C SER A 48 15.72 2.40 -0.30
N HIS A 49 14.97 3.46 -0.56
CA HIS A 49 14.47 4.34 0.50
C HIS A 49 13.25 3.75 1.16
N GLU A 50 12.43 3.06 0.37
CA GLU A 50 11.20 2.45 0.85
C GLU A 50 11.55 1.38 1.87
N LYS A 51 12.66 0.71 1.61
CA LYS A 51 13.15 -0.34 2.48
C LYS A 51 13.71 0.29 3.73
N LEU A 52 14.61 1.25 3.52
CA LEU A 52 15.26 1.94 4.61
C LEU A 52 14.20 2.50 5.53
N ALA A 53 13.06 2.86 4.96
CA ALA A 53 11.95 3.41 5.73
C ALA A 53 11.31 2.34 6.59
N ALA A 54 10.99 1.21 5.98
CA ALA A 54 10.38 0.09 6.68
C ALA A 54 11.16 -0.23 7.94
N GLU A 55 12.49 -0.35 7.80
CA GLU A 55 13.33 -0.62 8.93
C GLU A 55 13.18 0.41 10.03
N LYS A 56 13.06 1.67 9.63
CA LYS A 56 12.89 2.75 10.58
C LYS A 56 11.57 2.60 11.33
N ASP A 57 10.53 2.22 10.60
CA ASP A 57 9.22 2.03 11.20
C ASP A 57 9.25 0.96 12.26
N ASP A 58 9.93 -0.13 11.96
CA ASP A 58 10.03 -1.24 12.90
C ASP A 58 10.67 -0.71 14.18
N LEU A 59 11.82 -0.09 14.01
CA LEU A 59 12.57 0.49 15.12
C LEU A 59 11.75 1.53 15.91
N ILE A 60 11.03 2.41 15.23
CA ILE A 60 10.23 3.36 15.99
C ILE A 60 9.25 2.62 16.89
N VAL A 61 8.48 1.69 16.33
CA VAL A 61 7.54 0.93 17.15
C VAL A 61 8.30 0.17 18.23
N SER A 62 9.29 -0.64 17.85
CA SER A 62 10.09 -1.37 18.83
C SER A 62 10.50 -0.47 20.03
N ASN A 63 11.19 0.63 19.75
CA ASN A 63 11.62 1.55 20.79
C ASN A 63 10.50 2.23 21.58
N SER A 64 9.39 2.54 20.92
CA SER A 64 8.28 3.15 21.66
C SER A 64 7.82 2.21 22.77
N LYS A 65 7.92 0.91 22.52
CA LYS A 65 7.53 -0.06 23.51
C LYS A 65 8.56 -0.10 24.63
N LEU A 66 9.83 -0.03 24.26
CA LEU A 66 10.89 -0.06 25.26
C LEU A 66 10.83 1.17 26.13
N PHE A 67 10.67 2.33 25.48
CA PHE A 67 10.61 3.61 26.18
C PHE A 67 9.47 3.69 27.17
N ARG A 68 8.41 2.94 26.91
CA ARG A 68 7.24 2.93 27.78
C ARG A 68 7.59 2.27 29.10
N GLN A 69 8.70 1.52 29.09
CA GLN A 69 9.18 0.81 30.27
C GLN A 69 10.28 1.55 31.04
N ILE A 70 10.97 2.47 30.39
CA ILE A 70 11.98 3.24 31.10
C ILE A 70 11.16 4.14 31.99
N GLY A 71 9.87 4.18 31.69
CA GLY A 71 8.91 4.97 32.45
C GLY A 71 8.28 4.14 33.55
N LEU A 72 8.03 2.86 33.29
CA LEU A 72 7.44 1.98 34.30
C LEU A 72 8.31 2.13 35.55
N THR A 73 9.63 2.09 35.35
CA THR A 73 10.60 2.24 36.43
C THR A 73 10.90 3.73 36.55
N PRO B 1 8.55 11.69 -12.78
CA PRO B 1 7.14 12.12 -12.63
C PRO B 1 6.34 11.80 -13.88
N LEU B 2 7.02 11.76 -15.03
CA LEU B 2 6.38 11.43 -16.30
C LEU B 2 6.72 9.99 -16.68
N LYS B 3 5.71 9.14 -16.78
CA LYS B 3 5.92 7.74 -17.12
C LYS B 3 6.83 7.61 -18.35
N PRO B 4 7.80 6.68 -18.30
CA PRO B 4 8.71 6.50 -19.44
C PRO B 4 7.89 6.43 -20.72
N GLU B 5 6.76 5.74 -20.63
CA GLU B 5 5.85 5.58 -21.75
C GLU B 5 5.38 6.97 -22.19
N GLU B 6 4.96 7.78 -21.24
CA GLU B 6 4.48 9.13 -21.52
C GLU B 6 5.54 10.03 -22.15
N HIS B 7 6.78 9.88 -21.72
CA HIS B 7 7.87 10.69 -22.24
C HIS B 7 8.27 10.17 -23.62
N GLU B 8 8.07 8.88 -23.85
CA GLU B 8 8.40 8.26 -25.13
C GLU B 8 7.47 8.82 -26.20
N ASP B 9 6.23 9.09 -25.81
CA ASP B 9 5.24 9.64 -26.73
C ASP B 9 5.68 11.01 -27.20
N ILE B 10 6.00 11.88 -26.25
CA ILE B 10 6.45 13.22 -26.60
C ILE B 10 7.63 13.17 -27.58
N LEU B 11 8.66 12.42 -27.25
CA LEU B 11 9.85 12.32 -28.11
C LEU B 11 9.52 11.87 -29.54
N ASN B 12 8.44 11.10 -29.71
CA ASN B 12 8.07 10.66 -31.05
C ASN B 12 7.36 11.80 -31.76
N LYS B 13 6.47 12.46 -31.03
CA LYS B 13 5.72 13.59 -31.56
C LYS B 13 6.68 14.62 -32.11
N LEU B 14 7.71 14.93 -31.34
CA LEU B 14 8.69 15.92 -31.77
C LEU B 14 9.61 15.47 -32.90
N LEU B 15 9.52 14.22 -33.31
CA LEU B 15 10.39 13.76 -34.38
C LEU B 15 9.88 14.21 -35.74
N ASP B 16 8.56 14.32 -35.87
CA ASP B 16 7.94 14.76 -37.12
C ASP B 16 8.43 16.15 -37.52
N PRO B 17 9.06 16.28 -38.70
CA PRO B 17 9.57 17.58 -39.16
C PRO B 17 8.50 18.60 -39.48
N GLU B 18 7.28 18.12 -39.73
CA GLU B 18 6.19 19.02 -40.04
C GLU B 18 5.41 19.59 -38.85
N LEU B 19 5.46 18.90 -37.71
CA LEU B 19 4.74 19.34 -36.52
C LEU B 19 4.50 20.84 -36.45
N ALA B 20 3.29 21.22 -36.05
CA ALA B 20 2.88 22.62 -35.92
C ALA B 20 3.84 23.39 -35.01
N GLN B 21 4.52 24.39 -35.57
CA GLN B 21 5.49 25.19 -34.83
C GLN B 21 5.04 25.65 -33.46
N SER B 22 3.75 25.93 -33.30
CA SER B 22 3.24 26.36 -32.01
C SER B 22 3.22 25.14 -31.09
N GLU B 23 2.70 24.05 -31.65
CA GLU B 23 2.55 22.77 -30.98
C GLU B 23 3.81 22.05 -30.50
N ARG B 24 4.90 22.18 -31.22
CA ARG B 24 6.12 21.52 -30.77
C ARG B 24 6.70 22.28 -29.58
N THR B 25 6.49 23.61 -29.55
CA THR B 25 6.99 24.47 -28.47
C THR B 25 6.21 24.15 -27.20
N GLU B 26 4.94 23.81 -27.38
CA GLU B 26 4.02 23.45 -26.32
C GLU B 26 4.51 22.17 -25.64
N ALA B 27 4.71 21.15 -26.46
CA ALA B 27 5.19 19.87 -25.97
C ALA B 27 6.62 20.03 -25.48
N LEU B 28 7.41 20.82 -26.20
CA LEU B 28 8.78 21.06 -25.82
C LEU B 28 8.84 21.77 -24.45
N GLN B 29 7.69 22.23 -23.96
CA GLN B 29 7.63 22.89 -22.67
C GLN B 29 7.48 21.85 -21.58
N GLN B 30 6.62 20.86 -21.84
CA GLN B 30 6.39 19.77 -20.90
C GLN B 30 7.70 19.10 -20.53
N LEU B 31 8.58 18.96 -21.51
CA LEU B 31 9.85 18.34 -21.25
C LEU B 31 10.68 19.22 -20.31
N ARG B 32 10.25 20.47 -20.15
CA ARG B 32 10.94 21.40 -19.26
C ARG B 32 10.17 21.47 -17.94
N VAL B 33 8.84 21.31 -18.04
CA VAL B 33 7.99 21.32 -16.87
C VAL B 33 8.34 20.07 -16.07
N ASN B 34 8.11 18.92 -16.69
CA ASN B 34 8.40 17.62 -16.10
C ASN B 34 9.86 17.53 -15.65
N TYR B 35 10.80 17.92 -16.49
CA TYR B 35 12.20 17.82 -16.10
C TYR B 35 12.54 18.70 -14.89
N GLY B 36 11.77 19.76 -14.70
CA GLY B 36 12.04 20.62 -13.56
C GLY B 36 11.66 19.80 -12.34
N SER B 37 10.43 19.28 -12.36
CA SER B 37 9.95 18.46 -11.28
C SER B 37 11.01 17.41 -11.01
N PHE B 38 11.08 16.39 -11.86
CA PHE B 38 12.05 15.32 -11.69
C PHE B 38 13.34 15.76 -10.96
N VAL B 39 14.06 16.71 -11.51
CA VAL B 39 15.28 17.17 -10.87
C VAL B 39 15.07 17.54 -9.40
N SER B 40 13.85 17.94 -9.06
CA SER B 40 13.50 18.31 -7.69
C SER B 40 13.26 17.07 -6.83
N GLU B 41 12.21 16.30 -7.12
CA GLU B 41 11.91 15.08 -6.37
C GLU B 41 13.17 14.28 -6.13
N TYR B 42 14.02 14.19 -7.16
CA TYR B 42 15.25 13.43 -7.04
C TYR B 42 16.20 14.06 -6.04
N ASN B 43 16.15 15.38 -5.93
CA ASN B 43 17.03 16.06 -4.97
C ASN B 43 16.50 15.93 -3.56
N ASP B 44 15.18 16.06 -3.41
CA ASP B 44 14.58 15.93 -2.10
C ASP B 44 14.76 14.48 -1.65
N LEU B 45 14.54 13.54 -2.56
CA LEU B 45 14.68 12.12 -2.25
C LEU B 45 16.10 11.85 -1.76
N THR B 46 17.08 12.43 -2.42
CA THR B 46 18.45 12.21 -1.99
C THR B 46 18.70 12.89 -0.67
N LYS B 47 18.10 14.06 -0.49
CA LYS B 47 18.23 14.85 0.73
C LYS B 47 17.55 14.12 1.90
N SER B 48 16.53 13.34 1.56
CA SER B 48 15.76 12.57 2.54
C SER B 48 16.35 11.21 2.84
N HIS B 49 16.78 10.52 1.80
CA HIS B 49 17.35 9.20 1.97
C HIS B 49 18.64 9.27 2.78
N GLU B 50 19.28 10.44 2.78
CA GLU B 50 20.50 10.63 3.55
C GLU B 50 20.11 10.65 5.02
N LYS B 51 19.17 11.55 5.32
CA LYS B 51 18.65 11.74 6.66
C LYS B 51 18.07 10.43 7.23
N LEU B 52 17.19 9.78 6.48
CA LEU B 52 16.60 8.54 6.95
C LEU B 52 17.73 7.62 7.38
N ALA B 53 18.69 7.44 6.47
CA ALA B 53 19.85 6.60 6.70
C ALA B 53 20.47 6.83 8.06
N ALA B 54 20.65 8.10 8.43
CA ALA B 54 21.24 8.42 9.72
C ALA B 54 20.30 8.03 10.84
N GLU B 55 19.07 8.55 10.79
CA GLU B 55 18.08 8.24 11.81
C GLU B 55 17.99 6.73 12.05
N LYS B 56 18.05 5.98 10.97
CA LYS B 56 17.97 4.53 11.09
C LYS B 56 19.06 4.02 12.02
N ASP B 57 20.30 4.40 11.77
CA ASP B 57 21.39 3.92 12.60
C ASP B 57 21.22 4.35 14.06
N ASP B 58 20.70 5.54 14.28
CA ASP B 58 20.50 6.03 15.64
C ASP B 58 19.42 5.20 16.36
N LEU B 59 18.35 4.87 15.64
CA LEU B 59 17.27 4.09 16.22
C LEU B 59 17.85 2.76 16.69
N ILE B 60 18.77 2.22 15.91
CA ILE B 60 19.41 0.97 16.29
C ILE B 60 20.15 1.23 17.60
N VAL B 61 20.94 2.28 17.62
CA VAL B 61 21.66 2.60 18.83
C VAL B 61 20.75 2.85 20.02
N SER B 62 19.71 3.66 19.86
CA SER B 62 18.78 3.94 20.98
C SER B 62 17.96 2.70 21.37
N ASN B 63 17.89 1.73 20.47
CA ASN B 63 17.19 0.51 20.76
C ASN B 63 18.10 -0.31 21.68
N SER B 64 19.38 -0.35 21.37
CA SER B 64 20.35 -1.08 22.20
C SER B 64 20.42 -0.49 23.59
N LYS B 65 20.48 0.83 23.68
CA LYS B 65 20.54 1.47 24.99
C LYS B 65 19.27 1.26 25.82
N LEU B 66 18.10 1.43 25.21
CA LEU B 66 16.85 1.22 25.93
C LEU B 66 16.76 -0.20 26.50
N PHE B 67 17.00 -1.19 25.64
CA PHE B 67 16.95 -2.57 26.08
C PHE B 67 17.88 -2.72 27.27
N ARG B 68 19.18 -2.63 27.01
CA ARG B 68 20.17 -2.77 28.07
C ARG B 68 19.77 -2.07 29.36
N GLN B 69 19.20 -0.86 29.24
CA GLN B 69 18.79 -0.11 30.42
C GLN B 69 17.70 -0.78 31.25
N ILE B 70 16.68 -1.30 30.58
CA ILE B 70 15.57 -1.99 31.24
C ILE B 70 16.07 -3.24 31.97
N GLY B 71 17.20 -3.78 31.53
CA GLY B 71 17.77 -4.96 32.15
C GLY B 71 18.49 -4.65 33.46
N LEU B 72 18.87 -3.40 33.66
CA LEU B 72 19.54 -2.99 34.88
C LEU B 72 18.50 -2.80 35.96
N THR B 73 17.26 -2.60 35.52
CA THR B 73 16.15 -2.43 36.44
C THR B 73 15.56 -3.81 36.67
N PRO C 1 -20.09 -15.35 11.23
CA PRO C 1 -20.38 -15.62 12.66
C PRO C 1 -20.73 -17.08 12.92
N LEU C 2 -21.20 -17.77 11.90
CA LEU C 2 -21.58 -19.18 12.01
C LEU C 2 -20.32 -20.08 12.04
N LYS C 3 -20.29 -21.04 12.96
CA LYS C 3 -19.14 -21.94 13.06
C LYS C 3 -19.13 -22.81 11.82
N PRO C 4 -17.94 -23.17 11.32
CA PRO C 4 -17.82 -24.00 10.13
C PRO C 4 -18.50 -25.36 10.27
N GLU C 5 -18.59 -25.87 11.51
CA GLU C 5 -19.23 -27.14 11.78
C GLU C 5 -20.74 -26.91 11.62
N GLU C 6 -21.22 -25.79 12.16
CA GLU C 6 -22.64 -25.44 12.08
C GLU C 6 -23.09 -25.18 10.65
N HIS C 7 -22.26 -24.46 9.90
CA HIS C 7 -22.54 -24.17 8.52
C HIS C 7 -22.54 -25.47 7.72
N GLU C 8 -21.55 -26.31 8.00
CA GLU C 8 -21.42 -27.60 7.34
C GLU C 8 -22.65 -28.46 7.61
N ASP C 9 -23.16 -28.40 8.83
CA ASP C 9 -24.35 -29.16 9.20
C ASP C 9 -25.51 -28.74 8.29
N ILE C 10 -25.60 -27.46 7.99
CA ILE C 10 -26.65 -26.98 7.11
C ILE C 10 -26.40 -27.46 5.68
N LEU C 11 -25.13 -27.56 5.28
CA LEU C 11 -24.83 -28.02 3.94
C LEU C 11 -25.24 -29.48 3.75
N ASN C 12 -25.27 -30.24 4.84
CA ASN C 12 -25.64 -31.64 4.76
C ASN C 12 -27.14 -31.81 4.56
N LYS C 13 -27.90 -31.09 5.36
CA LYS C 13 -29.36 -31.11 5.30
C LYS C 13 -29.77 -30.84 3.86
N LEU C 14 -29.15 -29.83 3.26
CA LEU C 14 -29.42 -29.41 1.89
C LEU C 14 -29.14 -30.43 0.81
N LEU C 15 -28.25 -31.37 1.10
CA LEU C 15 -27.86 -32.40 0.15
C LEU C 15 -29.01 -33.32 -0.33
N ASP C 16 -30.00 -33.54 0.53
CA ASP C 16 -31.12 -34.40 0.18
C ASP C 16 -32.19 -33.73 -0.69
N PRO C 17 -32.40 -34.25 -1.91
CA PRO C 17 -33.37 -33.76 -2.89
C PRO C 17 -34.79 -33.92 -2.39
N GLU C 18 -34.93 -34.65 -1.30
CA GLU C 18 -36.22 -34.92 -0.71
C GLU C 18 -36.48 -34.05 0.51
N LEU C 19 -35.48 -33.29 0.93
CA LEU C 19 -35.70 -32.45 2.11
C LEU C 19 -36.96 -31.65 1.82
N ALA C 20 -37.84 -31.54 2.81
CA ALA C 20 -39.07 -30.77 2.67
C ALA C 20 -38.73 -29.35 2.21
N GLN C 21 -39.51 -28.81 1.29
CA GLN C 21 -39.26 -27.47 0.79
C GLN C 21 -39.16 -26.40 1.90
N SER C 22 -39.98 -26.54 2.94
CA SER C 22 -39.99 -25.61 4.07
C SER C 22 -38.58 -25.42 4.61
N GLU C 23 -38.02 -26.51 5.12
CA GLU C 23 -36.69 -26.50 5.70
C GLU C 23 -35.62 -26.31 4.63
N ARG C 24 -35.93 -26.57 3.36
CA ARG C 24 -34.91 -26.36 2.33
C ARG C 24 -34.73 -24.87 2.20
N THR C 25 -35.87 -24.19 2.10
CA THR C 25 -35.89 -22.75 1.96
C THR C 25 -35.39 -22.16 3.27
N GLU C 26 -35.74 -22.78 4.39
CA GLU C 26 -35.31 -22.30 5.68
C GLU C 26 -33.80 -22.31 5.73
N ALA C 27 -33.20 -23.44 5.34
CA ALA C 27 -31.75 -23.54 5.34
C ALA C 27 -31.12 -22.49 4.44
N LEU C 28 -31.52 -22.46 3.16
CA LEU C 28 -30.94 -21.46 2.27
C LEU C 28 -31.01 -20.04 2.83
N GLN C 29 -32.12 -19.69 3.50
CA GLN C 29 -32.30 -18.36 4.10
C GLN C 29 -31.22 -18.13 5.15
N GLN C 30 -31.07 -19.10 6.06
CA GLN C 30 -30.06 -18.99 7.09
C GLN C 30 -28.74 -18.67 6.43
N LEU C 31 -28.35 -19.51 5.48
CA LEU C 31 -27.12 -19.28 4.76
C LEU C 31 -27.02 -17.83 4.27
N ARG C 32 -28.14 -17.30 3.77
CA ARG C 32 -28.17 -15.92 3.27
C ARG C 32 -27.95 -14.91 4.39
N VAL C 33 -28.76 -15.01 5.43
CA VAL C 33 -28.62 -14.11 6.56
C VAL C 33 -27.21 -14.21 7.12
N ASN C 34 -26.72 -15.42 7.32
CA ASN C 34 -25.39 -15.58 7.86
C ASN C 34 -24.31 -15.03 6.93
N TYR C 35 -24.43 -15.28 5.62
CA TYR C 35 -23.41 -14.77 4.72
C TYR C 35 -23.45 -13.25 4.67
N GLY C 36 -24.63 -12.68 4.88
CA GLY C 36 -24.75 -11.24 4.85
C GLY C 36 -24.00 -10.66 6.03
N SER C 37 -24.24 -11.24 7.21
CA SER C 37 -23.61 -10.82 8.44
C SER C 37 -22.10 -10.93 8.36
N PHE C 38 -21.62 -12.14 8.02
CA PHE C 38 -20.20 -12.38 7.90
C PHE C 38 -19.55 -11.28 7.06
N VAL C 39 -20.18 -10.91 5.95
CA VAL C 39 -19.63 -9.86 5.11
C VAL C 39 -19.62 -8.54 5.82
N SER C 40 -20.71 -8.21 6.51
CA SER C 40 -20.79 -6.96 7.25
C SER C 40 -19.54 -6.88 8.16
N GLU C 41 -19.45 -7.83 9.11
CA GLU C 41 -18.31 -7.89 10.03
C GLU C 41 -17.00 -7.66 9.29
N TYR C 42 -16.74 -8.49 8.29
CA TYR C 42 -15.50 -8.38 7.53
C TYR C 42 -15.22 -6.95 7.14
N ASN C 43 -16.17 -6.33 6.45
CA ASN C 43 -16.02 -4.94 6.03
C ASN C 43 -15.66 -4.07 7.23
N ASP C 44 -16.48 -4.14 8.27
CA ASP C 44 -16.23 -3.36 9.47
C ASP C 44 -14.81 -3.60 9.94
N LEU C 45 -14.46 -4.85 10.17
CA LEU C 45 -13.11 -5.17 10.61
C LEU C 45 -12.09 -4.54 9.67
N THR C 46 -12.30 -4.73 8.38
CA THR C 46 -11.38 -4.20 7.39
C THR C 46 -11.25 -2.68 7.43
N LYS C 47 -12.37 -1.98 7.60
CA LYS C 47 -12.34 -0.52 7.66
C LYS C 47 -11.55 -0.15 8.92
N SER C 48 -12.00 -0.68 10.05
CA SER C 48 -11.33 -0.45 11.32
C SER C 48 -9.82 -0.68 11.20
N HIS C 49 -9.44 -1.73 10.49
CA HIS C 49 -8.04 -2.08 10.30
C HIS C 49 -7.31 -0.98 9.54
N GLU C 50 -7.85 -0.60 8.40
CA GLU C 50 -7.23 0.42 7.59
C GLU C 50 -6.99 1.70 8.37
N LYS C 51 -8.01 2.16 9.10
CA LYS C 51 -7.88 3.39 9.87
C LYS C 51 -6.73 3.26 10.88
N LEU C 52 -6.74 2.15 11.61
CA LEU C 52 -5.73 1.87 12.60
C LEU C 52 -4.33 1.88 11.99
N ALA C 53 -4.20 1.28 10.81
CA ALA C 53 -2.90 1.24 10.14
C ALA C 53 -2.46 2.65 9.80
N ALA C 54 -3.44 3.53 9.61
CA ALA C 54 -3.19 4.93 9.27
C ALA C 54 -2.70 5.65 10.51
N GLU C 55 -3.32 5.33 11.64
CA GLU C 55 -2.97 5.89 12.92
C GLU C 55 -1.52 5.51 13.23
N LYS C 56 -1.20 4.26 12.98
CA LYS C 56 0.16 3.75 13.21
C LYS C 56 1.23 4.59 12.53
N ASP C 57 1.08 4.79 11.22
CA ASP C 57 2.04 5.56 10.44
C ASP C 57 2.17 6.98 10.98
N ASP C 58 1.03 7.54 11.34
CA ASP C 58 0.91 8.89 11.89
C ASP C 58 1.76 8.98 13.17
N LEU C 59 1.46 8.09 14.11
CA LEU C 59 2.18 8.05 15.36
C LEU C 59 3.65 7.76 15.08
N ILE C 60 3.96 6.98 14.05
CA ILE C 60 5.35 6.71 13.78
C ILE C 60 6.07 8.02 13.44
N VAL C 61 5.45 8.85 12.61
CA VAL C 61 6.05 10.12 12.23
C VAL C 61 6.18 11.01 13.46
N SER C 62 5.10 11.13 14.23
CA SER C 62 5.12 11.97 15.42
C SER C 62 6.22 11.58 16.40
N ASN C 63 6.37 10.28 16.65
CA ASN C 63 7.40 9.84 17.56
C ASN C 63 8.78 10.00 16.98
N SER C 64 8.91 9.83 15.67
CA SER C 64 10.21 9.97 15.01
C SER C 64 10.77 11.35 15.36
N LYS C 65 9.95 12.38 15.19
CA LYS C 65 10.38 13.74 15.51
C LYS C 65 10.65 13.81 17.01
N LEU C 66 9.70 13.32 17.79
CA LEU C 66 9.84 13.33 19.23
C LEU C 66 11.14 12.68 19.73
N PHE C 67 11.48 11.51 19.20
CA PHE C 67 12.71 10.82 19.61
C PHE C 67 13.91 11.69 19.21
N ARG C 68 13.93 12.11 17.94
CA ARG C 68 15.02 12.94 17.43
C ARG C 68 15.14 14.16 18.35
N GLN C 69 13.99 14.69 18.76
CA GLN C 69 13.91 15.86 19.64
C GLN C 69 14.67 15.55 20.93
N ILE C 70 14.21 14.55 21.66
CA ILE C 70 14.85 14.12 22.91
C ILE C 70 16.28 13.67 22.57
N GLY C 71 16.55 13.49 21.28
CA GLY C 71 17.86 13.06 20.83
C GLY C 71 18.88 14.18 20.77
N LEU C 72 18.52 15.32 20.15
CA LEU C 72 19.45 16.45 20.05
C LEU C 72 19.80 17.01 21.42
N THR C 73 18.80 17.01 22.31
CA THR C 73 18.99 17.50 23.66
C THR C 73 19.99 16.63 24.42
N PRO D 1 -14.41 -12.97 -0.23
CA PRO D 1 -13.99 -14.22 -0.88
C PRO D 1 -14.91 -14.59 -2.04
N LEU D 2 -16.22 -14.46 -1.82
CA LEU D 2 -17.23 -14.76 -2.84
C LEU D 2 -18.24 -13.61 -2.80
N LYS D 3 -18.30 -12.82 -3.86
CA LYS D 3 -19.24 -11.68 -3.89
C LYS D 3 -20.64 -12.15 -3.56
N PRO D 4 -21.39 -11.34 -2.80
CA PRO D 4 -22.77 -11.71 -2.44
C PRO D 4 -23.59 -12.06 -3.67
N GLU D 5 -23.45 -11.25 -4.71
CA GLU D 5 -24.16 -11.47 -5.97
C GLU D 5 -23.90 -12.93 -6.39
N GLU D 6 -22.66 -13.38 -6.24
CA GLU D 6 -22.24 -14.73 -6.63
C GLU D 6 -22.78 -15.86 -5.73
N HIS D 7 -22.70 -15.61 -4.42
CA HIS D 7 -23.15 -16.54 -3.41
C HIS D 7 -24.67 -16.60 -3.48
N GLU D 8 -25.26 -15.50 -3.90
CA GLU D 8 -26.70 -15.41 -4.01
C GLU D 8 -27.26 -16.26 -5.13
N ASP D 9 -26.50 -16.44 -6.19
CA ASP D 9 -26.96 -17.27 -7.30
C ASP D 9 -26.92 -18.70 -6.83
N ILE D 10 -25.81 -19.05 -6.20
CA ILE D 10 -25.64 -20.39 -5.68
C ILE D 10 -26.84 -20.79 -4.82
N LEU D 11 -27.29 -19.87 -3.95
CA LEU D 11 -28.43 -20.14 -3.08
C LEU D 11 -29.66 -20.39 -3.90
N ASN D 12 -29.95 -19.49 -4.84
CA ASN D 12 -31.12 -19.62 -5.71
C ASN D 12 -31.14 -20.88 -6.55
N LYS D 13 -29.96 -21.37 -6.91
CA LYS D 13 -29.82 -22.58 -7.69
C LYS D 13 -30.18 -23.80 -6.85
N LEU D 14 -29.81 -23.74 -5.58
CA LEU D 14 -30.07 -24.82 -4.64
C LEU D 14 -31.53 -24.90 -4.20
N LEU D 15 -32.31 -23.87 -4.46
CA LEU D 15 -33.70 -23.89 -4.04
C LEU D 15 -34.59 -24.83 -4.85
N ASP D 16 -34.12 -25.23 -6.03
CA ASP D 16 -34.89 -26.13 -6.90
C ASP D 16 -34.56 -27.60 -6.60
N PRO D 17 -35.56 -28.37 -6.12
CA PRO D 17 -35.36 -29.79 -5.78
C PRO D 17 -35.08 -30.65 -7.01
N GLU D 18 -35.59 -30.21 -8.16
CA GLU D 18 -35.39 -30.94 -9.41
C GLU D 18 -34.00 -30.70 -9.98
N LEU D 19 -33.16 -29.95 -9.26
CA LEU D 19 -31.79 -29.68 -9.70
C LEU D 19 -30.99 -30.98 -9.63
N ALA D 20 -30.27 -31.30 -10.70
CA ALA D 20 -29.45 -32.52 -10.73
C ALA D 20 -28.68 -32.65 -9.42
N GLN D 21 -28.52 -33.89 -8.92
CA GLN D 21 -27.77 -34.14 -7.68
C GLN D 21 -26.30 -33.84 -7.97
N SER D 22 -25.91 -34.11 -9.21
CA SER D 22 -24.56 -33.88 -9.66
C SER D 22 -24.28 -32.39 -9.48
N GLU D 23 -25.28 -31.60 -9.86
CA GLU D 23 -25.19 -30.15 -9.78
C GLU D 23 -25.44 -29.56 -8.42
N ARG D 24 -26.25 -30.22 -7.60
CA ARG D 24 -26.52 -29.69 -6.28
C ARG D 24 -25.36 -30.02 -5.34
N THR D 25 -24.58 -31.03 -5.72
CA THR D 25 -23.41 -31.42 -4.93
C THR D 25 -22.22 -30.54 -5.29
N GLU D 26 -22.20 -30.11 -6.55
CA GLU D 26 -21.17 -29.25 -7.08
C GLU D 26 -21.27 -27.89 -6.38
N ALA D 27 -22.49 -27.36 -6.34
CA ALA D 27 -22.76 -26.08 -5.71
C ALA D 27 -22.45 -26.10 -4.23
N LEU D 28 -22.97 -27.11 -3.54
CA LEU D 28 -22.73 -27.23 -2.12
C LEU D 28 -21.22 -27.26 -1.83
N GLN D 29 -20.42 -27.71 -2.79
CA GLN D 29 -18.97 -27.72 -2.61
C GLN D 29 -18.51 -26.28 -2.50
N GLN D 30 -18.73 -25.52 -3.56
CA GLN D 30 -18.37 -24.11 -3.60
C GLN D 30 -18.63 -23.44 -2.25
N LEU D 31 -19.86 -23.52 -1.77
CA LEU D 31 -20.19 -22.92 -0.48
C LEU D 31 -19.20 -23.36 0.58
N ARG D 32 -19.02 -24.67 0.71
CA ARG D 32 -18.09 -25.24 1.69
C ARG D 32 -16.68 -24.68 1.52
N VAL D 33 -16.16 -24.81 0.32
CA VAL D 33 -14.83 -24.32 0.00
C VAL D 33 -14.78 -22.85 0.36
N ASN D 34 -15.67 -22.08 -0.22
CA ASN D 34 -15.71 -20.64 0.04
C ASN D 34 -15.76 -20.30 1.53
N TYR D 35 -16.82 -20.69 2.22
CA TYR D 35 -16.95 -20.40 3.64
C TYR D 35 -15.67 -20.70 4.39
N GLY D 36 -14.97 -21.75 3.97
CA GLY D 36 -13.73 -22.10 4.62
C GLY D 36 -12.72 -20.97 4.50
N SER D 37 -12.43 -20.56 3.28
CA SER D 37 -11.50 -19.49 3.03
C SER D 37 -11.90 -18.25 3.82
N PHE D 38 -13.13 -17.79 3.61
CA PHE D 38 -13.67 -16.62 4.30
C PHE D 38 -13.36 -16.65 5.79
N VAL D 39 -13.61 -17.79 6.45
CA VAL D 39 -13.32 -17.84 7.88
C VAL D 39 -11.82 -17.64 8.12
N SER D 40 -11.00 -18.15 7.21
CA SER D 40 -9.56 -17.98 7.35
C SER D 40 -9.20 -16.49 7.29
N GLU D 41 -9.43 -15.88 6.14
CA GLU D 41 -9.15 -14.45 5.96
C GLU D 41 -9.67 -13.65 7.15
N TYR D 42 -10.86 -14.01 7.62
CA TYR D 42 -11.42 -13.28 8.75
C TYR D 42 -10.51 -13.41 9.94
N ASN D 43 -10.10 -14.63 10.24
CA ASN D 43 -9.23 -14.86 11.36
C ASN D 43 -7.93 -14.12 11.17
N ASP D 44 -7.43 -14.09 9.94
CA ASP D 44 -6.19 -13.36 9.68
C ASP D 44 -6.40 -11.88 9.99
N LEU D 45 -7.33 -11.24 9.28
CA LEU D 45 -7.62 -9.82 9.50
C LEU D 45 -7.79 -9.53 10.99
N THR D 46 -8.39 -10.45 11.72
CA THR D 46 -8.60 -10.26 13.15
C THR D 46 -7.30 -10.29 13.95
N LYS D 47 -6.34 -11.07 13.46
CA LYS D 47 -5.04 -11.20 14.12
C LYS D 47 -4.25 -9.90 13.93
N SER D 48 -3.96 -9.57 12.68
CA SER D 48 -3.19 -8.37 12.41
C SER D 48 -3.82 -7.16 13.07
N HIS D 49 -5.14 -7.15 13.15
CA HIS D 49 -5.84 -6.05 13.76
C HIS D 49 -5.46 -5.94 15.24
N GLU D 50 -5.57 -7.05 15.96
CA GLU D 50 -5.22 -7.06 17.39
C GLU D 50 -3.79 -6.53 17.56
N LYS D 51 -2.91 -6.97 16.66
CA LYS D 51 -1.53 -6.54 16.69
C LYS D 51 -1.46 -5.03 16.50
N LEU D 52 -1.87 -4.56 15.32
CA LEU D 52 -1.87 -3.12 15.02
C LEU D 52 -2.39 -2.32 16.20
N ALA D 53 -3.53 -2.72 16.70
CA ALA D 53 -4.16 -2.06 17.81
C ALA D 53 -3.26 -1.99 19.04
N ALA D 54 -2.35 -2.94 19.15
CA ALA D 54 -1.45 -2.97 20.29
C ALA D 54 -0.32 -1.97 20.12
N GLU D 55 0.28 -1.96 18.94
CA GLU D 55 1.37 -1.05 18.66
C GLU D 55 0.85 0.39 18.73
N LYS D 56 -0.41 0.60 18.37
CA LYS D 56 -0.94 1.95 18.44
C LYS D 56 -0.85 2.40 19.89
N ASP D 57 -1.19 1.50 20.80
CA ASP D 57 -1.14 1.82 22.22
C ASP D 57 0.28 2.16 22.66
N ASP D 58 1.25 1.33 22.29
CA ASP D 58 2.63 1.61 22.65
C ASP D 58 2.98 3.00 22.09
N LEU D 59 2.71 3.20 20.80
CA LEU D 59 3.02 4.46 20.16
C LEU D 59 2.34 5.67 20.80
N ILE D 60 1.06 5.57 21.15
CA ILE D 60 0.37 6.68 21.79
C ILE D 60 0.99 6.99 23.13
N VAL D 61 1.00 5.99 24.01
CA VAL D 61 1.57 6.14 25.33
C VAL D 61 2.99 6.69 25.26
N SER D 62 3.83 6.03 24.46
CA SER D 62 5.21 6.45 24.29
C SER D 62 5.26 7.90 23.83
N ASN D 63 4.41 8.23 22.88
CA ASN D 63 4.33 9.58 22.34
C ASN D 63 4.01 10.56 23.46
N SER D 64 3.08 10.19 24.35
CA SER D 64 2.72 11.08 25.45
C SER D 64 3.90 11.25 26.41
N LYS D 65 4.58 10.16 26.74
CA LYS D 65 5.74 10.22 27.64
C LYS D 65 6.81 11.08 26.96
N LEU D 66 7.22 10.73 25.74
CA LEU D 66 8.22 11.51 25.03
C LEU D 66 7.88 13.02 25.07
N PHE D 67 6.62 13.36 24.85
CA PHE D 67 6.21 14.78 24.87
C PHE D 67 6.51 15.35 26.25
N ARG D 68 5.95 14.71 27.26
CA ARG D 68 6.12 15.13 28.64
C ARG D 68 7.59 15.34 29.00
N GLN D 69 8.47 14.44 28.56
CA GLN D 69 9.88 14.57 28.89
C GLN D 69 10.53 15.77 28.24
N ILE D 70 10.21 16.01 26.97
CA ILE D 70 10.78 17.15 26.27
C ILE D 70 10.45 18.41 27.04
N GLY D 71 9.26 18.46 27.61
CA GLY D 71 8.85 19.62 28.36
C GLY D 71 9.57 19.83 29.69
N LEU D 72 10.13 18.78 30.25
CA LEU D 72 10.83 18.91 31.53
C LEU D 72 12.25 19.43 31.30
N THR D 73 12.86 18.99 30.21
CA THR D 73 14.20 19.43 29.87
C THR D 73 14.09 20.77 29.15
#